data_2V6K
#
_entry.id   2V6K
#
_cell.length_a   52.659
_cell.length_b   60.340
_cell.length_c   81.680
_cell.angle_alpha   90.00
_cell.angle_beta   93.22
_cell.angle_gamma   90.00
#
_symmetry.space_group_name_H-M   'P 1 21 1'
#
loop_
_entity.id
_entity.type
_entity.pdbx_description
1 polymer 'MALEYLPYRUVATE ISOMERASE'
2 non-polymer GAMMA-GLUTAMYL-S-(1,2-DICARBOXYETHYL)CYSTEINYLGLYCINE
3 non-polymer 'SODIUM ION'
4 non-polymer 'ACETATE ION'
5 water water
#
_entity_poly.entity_id   1
_entity_poly.type   'polypeptide(L)'
_entity_poly.pdbx_seq_one_letter_code
;AKMKLYNFWRSGTSHRLRIALNLKGVPYEYLAVHLGKEEHLKDAFKALNPQQLVPALDTGAQVLIQSPAIIEWLEEQYPT
PALLPADADGRQRVRALAAIVGCDIHPINNRRILEYLRKTFGADEAAINAWCGTWISAGFDAYEALLAVDPKRGRYSFGD
TPTLADCYLVPQVESARRFQVDLTPYPLIRAVDAACGELDAFRRAAPAAQPDSA
;
_entity_poly.pdbx_strand_id   A,B
#
loop_
_chem_comp.id
_chem_comp.type
_chem_comp.name
_chem_comp.formula
ACT non-polymer 'ACETATE ION' 'C2 H3 O2 -1'
NA non-polymer 'SODIUM ION' 'Na 1'
TGG non-polymer GAMMA-GLUTAMYL-S-(1,2-DICARBOXYETHYL)CYSTEINYLGLYCINE 'C14 H21 N3 O10 S'
#
# COMPACT_ATOMS: atom_id res chain seq x y z
N ALA A 1 -3.21 0.99 -31.83
CA ALA A 1 -2.88 1.25 -30.40
C ALA A 1 -2.88 -0.05 -29.59
N LYS A 2 -1.90 -0.16 -28.69
CA LYS A 2 -1.75 -1.34 -27.85
C LYS A 2 -1.06 -1.00 -26.51
N MET A 3 -1.14 -1.92 -25.55
CA MET A 3 -0.63 -1.67 -24.21
C MET A 3 0.90 -1.78 -24.11
N LYS A 4 1.47 -0.81 -23.41
CA LYS A 4 2.92 -0.72 -23.22
C LYS A 4 3.20 -0.72 -21.73
N LEU A 5 4.01 -1.68 -21.29
CA LEU A 5 4.36 -1.80 -19.89
C LEU A 5 5.76 -1.26 -19.64
N TYR A 6 5.84 -0.11 -18.96
CA TYR A 6 7.11 0.48 -18.58
C TYR A 6 7.53 -0.16 -17.27
N ASN A 7 8.61 -0.93 -17.30
CA ASN A 7 8.99 -1.74 -16.16
C ASN A 7 10.43 -2.22 -16.23
N PHE A 8 10.84 -3.05 -15.28
CA PHE A 8 12.23 -3.47 -15.15
C PHE A 8 12.24 -4.92 -14.69
N TRP A 9 13.21 -5.69 -15.16
CA TRP A 9 13.20 -7.12 -14.84
C TRP A 9 13.22 -7.40 -13.34
N ARG A 10 14.21 -6.84 -12.66
CA ARG A 10 14.44 -7.08 -11.25
C ARG A 10 13.74 -5.99 -10.45
N SER A 11 12.42 -6.07 -10.45
CA SER A 11 11.57 -5.11 -9.80
C SER A 11 10.34 -5.83 -9.28
N GLY A 12 10.12 -5.76 -7.97
CA GLY A 12 9.02 -6.46 -7.33
C GLY A 12 7.65 -6.01 -7.82
N THR A 13 7.46 -4.70 -7.93
CA THR A 13 6.17 -4.17 -8.38
C THR A 13 5.95 -4.45 -9.88
N SER A 14 7.04 -4.47 -10.65
CA SER A 14 6.93 -4.85 -12.06
C SER A 14 6.53 -6.31 -12.19
N HIS A 15 7.22 -7.16 -11.44
CA HIS A 15 6.96 -8.61 -11.37
C HIS A 15 5.50 -8.86 -10.98
N ARG A 16 5.04 -8.16 -9.93
CA ARG A 16 3.66 -8.24 -9.46
C ARG A 16 2.65 -8.00 -10.58
N LEU A 17 2.86 -6.92 -11.33
CA LEU A 17 1.95 -6.57 -12.41
C LEU A 17 2.08 -7.53 -13.59
N ARG A 18 3.31 -7.96 -13.89
CA ARG A 18 3.49 -8.94 -14.97
C ARG A 18 2.73 -10.22 -14.70
N ILE A 19 2.71 -10.67 -13.44
CA ILE A 19 1.95 -11.88 -13.10
C ILE A 19 0.48 -11.68 -13.41
N ALA A 20 -0.08 -10.55 -12.97
CA ALA A 20 -1.50 -10.27 -13.19
C ALA A 20 -1.83 -10.19 -14.68
N LEU A 21 -1.01 -9.49 -15.45
CA LEU A 21 -1.21 -9.40 -16.89
C LEU A 21 -1.18 -10.78 -17.54
N ASN A 22 -0.21 -11.60 -17.15
CA ASN A 22 -0.08 -12.95 -17.72
C ASN A 22 -1.25 -13.85 -17.34
N LEU A 23 -1.72 -13.75 -16.11
CA LEU A 23 -2.88 -14.55 -15.69
C LEU A 23 -4.11 -14.19 -16.51
N LYS A 24 -4.24 -12.92 -16.87
CA LYS A 24 -5.36 -12.45 -17.68
C LYS A 24 -5.16 -12.73 -19.17
N GLY A 25 -3.95 -13.10 -19.56
CA GLY A 25 -3.62 -13.34 -20.98
C GLY A 25 -3.65 -12.08 -21.82
N VAL A 26 -3.40 -10.95 -21.18
CA VAL A 26 -3.43 -9.65 -21.84
C VAL A 26 -2.06 -9.37 -22.47
N PRO A 27 -2.02 -9.16 -23.81
CA PRO A 27 -0.75 -8.86 -24.47
C PRO A 27 -0.25 -7.46 -24.14
N TYR A 28 1.07 -7.30 -24.09
CA TYR A 28 1.67 -5.99 -23.84
C TYR A 28 3.06 -5.92 -24.42
N GLU A 29 3.45 -4.72 -24.80
CA GLU A 29 4.82 -4.45 -25.21
C GLU A 29 5.65 -4.16 -23.95
N TYR A 30 6.78 -4.84 -23.83
CA TYR A 30 7.69 -4.66 -22.69
C TYR A 30 8.63 -3.51 -23.00
N LEU A 31 8.51 -2.43 -22.23
CA LEU A 31 9.40 -1.29 -22.38
C LEU A 31 10.25 -1.14 -21.14
N ALA A 32 11.51 -1.51 -21.27
CA ALA A 32 12.44 -1.54 -20.15
C ALA A 32 12.81 -0.12 -19.74
N VAL A 33 12.73 0.13 -18.44
CA VAL A 33 13.20 1.35 -17.83
C VAL A 33 14.29 0.90 -16.88
N HIS A 34 15.54 1.20 -17.23
CA HIS A 34 16.68 0.65 -16.49
C HIS A 34 16.92 1.40 -15.20
N LEU A 35 16.48 0.81 -14.09
CA LEU A 35 16.57 1.47 -12.78
C LEU A 35 18.00 1.63 -12.30
N GLY A 36 18.87 0.70 -12.66
CA GLY A 36 20.28 0.80 -12.30
C GLY A 36 20.95 2.00 -12.94
N LYS A 37 20.55 2.29 -14.18
CA LYS A 37 21.02 3.47 -14.91
C LYS A 37 20.21 4.71 -14.53
N GLU A 38 19.27 4.54 -13.60
CA GLU A 38 18.40 5.63 -13.12
C GLU A 38 17.58 6.28 -14.23
N GLU A 39 17.17 5.47 -15.20
CA GLU A 39 16.36 5.96 -16.31
C GLU A 39 15.00 6.48 -15.86
N HIS A 40 14.51 5.95 -14.73
CA HIS A 40 13.24 6.40 -14.18
C HIS A 40 13.31 7.81 -13.62
N LEU A 41 14.52 8.29 -13.35
CA LEU A 41 14.72 9.61 -12.74
C LEU A 41 14.97 10.69 -13.80
N LYS A 42 14.89 10.31 -15.07
CA LYS A 42 15.04 11.25 -16.18
C LYS A 42 13.71 11.91 -16.52
N ASP A 43 13.78 13.08 -17.14
CA ASP A 43 12.59 13.84 -17.50
C ASP A 43 11.66 13.10 -18.47
N ALA A 44 12.24 12.28 -19.35
CA ALA A 44 11.44 11.50 -20.29
C ALA A 44 10.47 10.56 -19.57
N PHE A 45 10.93 9.90 -18.52
CA PHE A 45 10.02 9.05 -17.75
C PHE A 45 9.07 9.87 -16.86
N LYS A 46 9.55 11.01 -16.35
CA LYS A 46 8.69 11.89 -15.56
C LYS A 46 7.47 12.35 -16.34
N ALA A 47 7.65 12.59 -17.64
CA ALA A 47 6.56 12.99 -18.53
C ALA A 47 5.46 11.93 -18.61
N LEU A 48 5.85 10.67 -18.45
CA LEU A 48 4.90 9.56 -18.46
C LEU A 48 4.29 9.38 -17.06
N ASN A 49 5.14 9.40 -16.04
CA ASN A 49 4.75 9.18 -14.65
C ASN A 49 5.43 10.18 -13.71
N PRO A 50 4.66 11.15 -13.17
CA PRO A 50 5.31 12.18 -12.37
C PRO A 50 5.94 11.64 -11.10
N GLN A 51 5.51 10.46 -10.67
CA GLN A 51 6.06 9.82 -9.49
C GLN A 51 7.43 9.18 -9.75
N GLN A 52 7.75 8.92 -11.02
CA GLN A 52 9.06 8.39 -11.40
C GLN A 52 9.41 7.07 -10.70
N LEU A 53 8.42 6.19 -10.68
CA LEU A 53 8.59 4.81 -10.23
C LEU A 53 7.99 3.87 -11.25
N VAL A 54 8.38 2.60 -11.19
CA VAL A 54 7.80 1.59 -12.08
C VAL A 54 6.94 0.61 -11.29
N PRO A 55 5.94 -0.01 -11.94
CA PRO A 55 5.57 0.09 -13.35
C PRO A 55 4.61 1.22 -13.68
N ALA A 56 4.53 1.53 -14.97
CA ALA A 56 3.46 2.35 -15.53
C ALA A 56 2.94 1.60 -16.74
N LEU A 57 1.64 1.67 -16.96
CA LEU A 57 1.01 0.94 -18.04
C LEU A 57 0.29 1.92 -18.96
N ASP A 58 0.80 2.06 -20.18
CA ASP A 58 0.15 2.87 -21.19
C ASP A 58 -0.88 1.98 -21.87
N THR A 59 -2.15 2.30 -21.72
CA THR A 59 -3.22 1.49 -22.30
C THR A 59 -3.39 1.77 -23.80
N GLY A 60 -2.74 2.83 -24.28
CA GLY A 60 -2.94 3.30 -25.65
C GLY A 60 -3.79 4.55 -25.64
N ALA A 61 -4.53 4.74 -24.55
CA ALA A 61 -5.37 5.92 -24.36
C ALA A 61 -4.83 6.82 -23.24
N GLN A 62 -4.27 6.21 -22.21
CA GLN A 62 -3.65 6.95 -21.11
C GLN A 62 -2.63 6.10 -20.35
N VAL A 63 -1.80 6.75 -19.54
CA VAL A 63 -0.80 6.07 -18.72
C VAL A 63 -1.31 5.88 -17.29
N LEU A 64 -1.41 4.61 -16.90
CA LEU A 64 -1.83 4.24 -15.56
C LEU A 64 -0.63 4.03 -14.68
N ILE A 65 -0.74 4.47 -13.44
CA ILE A 65 0.30 4.23 -12.44
C ILE A 65 -0.28 3.53 -11.23
N GLN A 66 0.60 3.09 -10.34
CA GLN A 66 0.26 2.38 -9.09
C GLN A 66 -0.20 0.96 -9.31
N SER A 67 0.72 0.01 -9.17
CA SER A 67 0.37 -1.39 -9.41
C SER A 67 -0.89 -1.86 -8.67
N PRO A 68 -1.13 -1.44 -7.41
CA PRO A 68 -2.37 -1.94 -6.79
C PRO A 68 -3.63 -1.50 -7.55
N ALA A 69 -3.64 -0.25 -8.01
CA ALA A 69 -4.76 0.31 -8.76
C ALA A 69 -4.87 -0.30 -10.16
N ILE A 70 -3.72 -0.48 -10.82
CA ILE A 70 -3.70 -1.11 -12.13
C ILE A 70 -4.23 -2.54 -12.05
N ILE A 71 -3.80 -3.29 -11.03
CA ILE A 71 -4.25 -4.68 -10.91
C ILE A 71 -5.77 -4.77 -10.65
N GLU A 72 -6.30 -3.88 -9.79
CA GLU A 72 -7.75 -3.81 -9.60
C GLU A 72 -8.48 -3.47 -10.89
N TRP A 73 -7.90 -2.57 -11.68
CA TRP A 73 -8.43 -2.21 -13.00
C TRP A 73 -8.44 -3.42 -13.95
N LEU A 74 -7.34 -4.16 -13.99
CA LEU A 74 -7.28 -5.38 -14.81
C LEU A 74 -8.35 -6.38 -14.42
N GLU A 75 -8.58 -6.55 -13.12
CA GLU A 75 -9.57 -7.51 -12.65
C GLU A 75 -10.97 -7.17 -13.17
N GLU A 76 -11.29 -5.87 -13.19
CA GLU A 76 -12.60 -5.41 -13.63
C GLU A 76 -12.73 -5.40 -15.16
N GLN A 77 -11.64 -5.06 -15.84
CA GLN A 77 -11.64 -4.90 -17.30
C GLN A 77 -11.56 -6.22 -18.05
N TYR A 78 -10.86 -7.19 -17.45
CA TYR A 78 -10.62 -8.50 -18.06
C TYR A 78 -11.08 -9.55 -17.07
N PRO A 79 -12.37 -9.91 -17.10
CA PRO A 79 -12.93 -10.72 -16.02
C PRO A 79 -12.32 -12.10 -15.79
N THR A 80 -11.89 -12.78 -16.84
CA THR A 80 -11.52 -14.19 -16.76
C THR A 80 -10.02 -14.39 -16.97
N PRO A 81 -9.36 -15.17 -16.08
CA PRO A 81 -9.87 -15.77 -14.86
C PRO A 81 -9.95 -14.73 -13.74
N ALA A 82 -10.92 -14.88 -12.85
CA ALA A 82 -11.07 -13.95 -11.74
C ALA A 82 -9.87 -14.02 -10.79
N LEU A 83 -9.33 -12.85 -10.46
CA LEU A 83 -8.24 -12.76 -9.48
C LEU A 83 -8.73 -12.28 -8.10
N LEU A 84 -10.02 -11.99 -8.02
CA LEU A 84 -10.65 -11.68 -6.73
C LEU A 84 -11.88 -12.56 -6.58
N PRO A 85 -12.16 -13.02 -5.34
CA PRO A 85 -13.39 -13.77 -5.14
C PRO A 85 -14.63 -12.90 -5.23
N ALA A 86 -15.79 -13.53 -5.31
CA ALA A 86 -17.04 -12.82 -5.54
C ALA A 86 -17.70 -12.30 -4.26
N ASP A 87 -17.34 -12.89 -3.11
CA ASP A 87 -17.99 -12.56 -1.85
C ASP A 87 -17.21 -11.50 -1.08
N ALA A 88 -17.94 -10.65 -0.35
CA ALA A 88 -17.37 -9.51 0.36
C ALA A 88 -16.27 -9.89 1.34
N ASP A 89 -16.49 -10.96 2.10
CA ASP A 89 -15.50 -11.40 3.08
C ASP A 89 -14.21 -11.85 2.41
N GLY A 90 -14.33 -12.70 1.39
CA GLY A 90 -13.19 -13.17 0.64
C GLY A 90 -12.45 -12.05 -0.07
N ARG A 91 -13.20 -11.12 -0.66
CA ARG A 91 -12.62 -9.92 -1.28
C ARG A 91 -11.74 -9.19 -0.27
N GLN A 92 -12.28 -8.98 0.93
CA GLN A 92 -11.54 -8.24 1.96
C GLN A 92 -10.28 -8.98 2.39
N ARG A 93 -10.37 -10.31 2.54
CA ARG A 93 -9.23 -11.11 2.98
C ARG A 93 -8.10 -11.11 1.95
N VAL A 94 -8.46 -11.25 0.68
CA VAL A 94 -7.47 -11.23 -0.39
C VAL A 94 -6.82 -9.86 -0.50
N ARG A 95 -7.63 -8.80 -0.42
CA ARG A 95 -7.06 -7.45 -0.42
C ARG A 95 -6.17 -7.20 0.80
N ALA A 96 -6.52 -7.77 1.94
CA ALA A 96 -5.71 -7.60 3.16
C ALA A 96 -4.35 -8.27 3.01
N LEU A 97 -4.35 -9.51 2.49
CA LEU A 97 -3.10 -10.22 2.25
C LEU A 97 -2.22 -9.42 1.31
N ALA A 98 -2.80 -8.93 0.22
CA ALA A 98 -2.05 -8.13 -0.75
C ALA A 98 -1.47 -6.90 -0.10
N ALA A 99 -2.27 -6.22 0.72
CA ALA A 99 -1.84 -4.96 1.32
C ALA A 99 -0.74 -5.14 2.37
N ILE A 100 -0.71 -6.28 3.06
CA ILE A 100 0.43 -6.56 3.95
C ILE A 100 1.72 -6.41 3.15
N VAL A 101 1.76 -7.01 1.97
CA VAL A 101 2.94 -6.91 1.11
C VAL A 101 3.06 -5.52 0.50
N GLY A 102 1.98 -5.05 -0.11
CA GLY A 102 2.04 -3.85 -0.93
C GLY A 102 2.23 -2.56 -0.14
N CYS A 103 1.74 -2.55 1.09
CA CYS A 103 1.91 -1.39 1.98
C CYS A 103 3.04 -1.59 2.97
N ASP A 104 3.09 -2.76 3.59
CA ASP A 104 3.86 -2.89 4.82
C ASP A 104 5.18 -3.64 4.69
N ILE A 105 5.48 -4.14 3.49
CA ILE A 105 6.79 -4.75 3.24
C ILE A 105 7.49 -4.07 2.07
N HIS A 106 6.92 -4.22 0.87
CA HIS A 106 7.62 -3.77 -0.33
C HIS A 106 8.16 -2.33 -0.28
N PRO A 107 7.31 -1.36 0.10
CA PRO A 107 7.79 0.02 0.01
C PRO A 107 8.97 0.33 0.93
N ILE A 108 9.08 -0.41 2.03
CA ILE A 108 10.10 -0.12 3.03
C ILE A 108 11.49 -0.52 2.55
N ASN A 109 11.53 -1.48 1.62
CA ASN A 109 12.81 -2.02 1.13
C ASN A 109 13.15 -1.59 -0.28
N ASN A 110 12.35 -0.67 -0.81
CA ASN A 110 12.50 -0.17 -2.17
C ASN A 110 13.84 0.53 -2.36
N ARG A 111 14.36 0.52 -3.58
CA ARG A 111 15.67 1.06 -3.90
C ARG A 111 15.93 2.43 -3.28
N ARG A 112 15.01 3.37 -3.46
CA ARG A 112 15.23 4.75 -2.98
C ARG A 112 15.43 4.80 -1.47
N ILE A 113 14.77 3.89 -0.75
CA ILE A 113 14.87 3.86 0.69
C ILE A 113 16.26 3.35 1.08
N LEU A 114 16.68 2.26 0.44
CA LEU A 114 18.00 1.70 0.73
C LEU A 114 19.11 2.69 0.38
N GLU A 115 18.93 3.42 -0.71
CA GLU A 115 19.87 4.47 -1.07
C GLU A 115 19.99 5.54 0.00
N TYR A 116 18.86 5.93 0.58
CA TYR A 116 18.85 6.91 1.65
C TYR A 116 19.58 6.36 2.89
N LEU A 117 19.33 5.09 3.23
CA LEU A 117 20.05 4.46 4.34
C LEU A 117 21.56 4.48 4.11
N ARG A 118 21.98 4.18 2.89
CA ARG A 118 23.40 4.17 2.56
C ARG A 118 24.01 5.57 2.64
N LYS A 119 23.36 6.53 1.99
CA LYS A 119 23.97 7.85 1.78
C LYS A 119 23.77 8.81 2.94
N THR A 120 22.70 8.62 3.70
CA THR A 120 22.42 9.49 4.85
C THR A 120 22.82 8.84 6.16
N PHE A 121 22.55 7.55 6.32
CA PHE A 121 22.85 6.85 7.56
C PHE A 121 24.09 5.97 7.49
N GLY A 122 24.74 5.95 6.33
CA GLY A 122 26.01 5.22 6.18
C GLY A 122 25.90 3.72 6.27
N ALA A 123 24.71 3.18 5.99
CA ALA A 123 24.46 1.75 6.08
C ALA A 123 25.37 0.97 5.15
N ASP A 124 26.04 -0.05 5.68
CA ASP A 124 26.73 -1.00 4.82
C ASP A 124 25.77 -2.10 4.41
N GLU A 125 26.23 -3.04 3.59
CA GLU A 125 25.29 -4.00 3.02
C GLU A 125 24.74 -5.00 4.04
N ALA A 126 25.51 -5.29 5.07
CA ALA A 126 25.00 -6.10 6.18
C ALA A 126 23.83 -5.37 6.84
N ALA A 127 23.98 -4.06 7.06
CA ALA A 127 22.92 -3.25 7.66
C ALA A 127 21.70 -3.19 6.75
N ILE A 128 21.92 -3.08 5.45
CA ILE A 128 20.83 -3.10 4.47
C ILE A 128 20.08 -4.43 4.54
N ASN A 129 20.81 -5.54 4.57
CA ASN A 129 20.15 -6.84 4.67
C ASN A 129 19.35 -7.00 5.96
N ALA A 130 19.89 -6.48 7.06
CA ALA A 130 19.21 -6.59 8.36
C ALA A 130 17.91 -5.77 8.37
N TRP A 131 17.96 -4.58 7.75
CA TRP A 131 16.77 -3.75 7.57
C TRP A 131 15.72 -4.50 6.78
N CYS A 132 16.10 -4.99 5.60
CA CYS A 132 15.14 -5.64 4.72
C CYS A 132 14.51 -6.85 5.39
N GLY A 133 15.33 -7.65 6.06
CA GLY A 133 14.84 -8.84 6.77
C GLY A 133 13.90 -8.50 7.90
N THR A 134 14.11 -7.37 8.56
CA THR A 134 13.22 -6.95 9.63
C THR A 134 11.79 -6.80 9.11
N TRP A 135 11.62 -6.07 8.03
CA TRP A 135 10.27 -5.80 7.52
C TRP A 135 9.66 -6.99 6.81
N ILE A 136 10.48 -7.76 6.10
CA ILE A 136 10.00 -8.98 5.46
C ILE A 136 9.54 -9.98 6.51
N SER A 137 10.35 -10.21 7.54
CA SER A 137 9.97 -11.17 8.57
CA SER A 137 9.99 -11.18 8.58
C SER A 137 8.71 -10.76 9.32
N ALA A 138 8.58 -9.48 9.64
CA ALA A 138 7.39 -9.01 10.33
C ALA A 138 6.15 -9.24 9.48
N GLY A 139 6.23 -8.87 8.21
CA GLY A 139 5.10 -9.02 7.29
C GLY A 139 4.76 -10.48 7.02
N PHE A 140 5.79 -11.29 6.81
CA PHE A 140 5.60 -12.73 6.59
C PHE A 140 5.08 -13.44 7.84
N ASP A 141 5.49 -13.00 9.04
CA ASP A 141 4.89 -13.55 10.26
C ASP A 141 3.36 -13.43 10.19
N ALA A 142 2.88 -12.25 9.82
CA ALA A 142 1.44 -12.00 9.76
C ALA A 142 0.77 -12.75 8.61
N TYR A 143 1.38 -12.70 7.43
CA TYR A 143 0.83 -13.36 6.25
C TYR A 143 0.72 -14.86 6.49
N GLU A 144 1.79 -15.46 7.01
CA GLU A 144 1.83 -16.88 7.35
C GLU A 144 0.74 -17.25 8.36
N ALA A 145 0.57 -16.42 9.39
CA ALA A 145 -0.46 -16.67 10.40
C ALA A 145 -1.85 -16.65 9.77
N LEU A 146 -2.08 -15.73 8.84
CA LEU A 146 -3.37 -15.65 8.16
C LEU A 146 -3.63 -16.85 7.25
N LEU A 147 -2.59 -17.33 6.58
CA LEU A 147 -2.70 -18.55 5.76
C LEU A 147 -3.11 -19.75 6.59
N ALA A 148 -2.65 -19.78 7.84
CA ALA A 148 -2.85 -20.91 8.74
C ALA A 148 -4.28 -21.04 9.26
N VAL A 149 -4.94 -19.90 9.45
CA VAL A 149 -6.27 -19.92 10.09
C VAL A 149 -7.43 -20.09 9.10
N ASP A 150 -7.09 -20.05 7.81
CA ASP A 150 -8.07 -20.20 6.74
C ASP A 150 -8.32 -21.67 6.40
N PRO A 151 -9.50 -22.20 6.80
CA PRO A 151 -9.79 -23.64 6.62
C PRO A 151 -10.09 -24.06 5.19
N LYS A 152 -10.56 -23.12 4.37
CA LYS A 152 -10.98 -23.43 2.99
C LYS A 152 -9.85 -23.32 1.97
N ARG A 153 -8.67 -22.90 2.43
CA ARG A 153 -7.54 -22.63 1.56
C ARG A 153 -6.97 -23.88 0.89
N GLY A 154 -6.64 -23.76 -0.39
CA GLY A 154 -5.99 -24.83 -1.15
C GLY A 154 -4.51 -24.54 -1.34
N ARG A 155 -4.05 -24.62 -2.59
CA ARG A 155 -2.63 -24.50 -2.93
C ARG A 155 -2.10 -23.06 -2.88
N TYR A 156 -3.00 -22.10 -2.94
CA TYR A 156 -2.59 -20.70 -3.09
C TYR A 156 -2.91 -19.88 -1.85
N SER A 157 -2.73 -18.57 -1.92
CA SER A 157 -2.96 -17.73 -0.74
C SER A 157 -4.41 -17.77 -0.25
N PHE A 158 -5.33 -17.91 -1.20
CA PHE A 158 -6.75 -17.93 -0.91
C PHE A 158 -7.43 -18.89 -1.87
N GLY A 159 -8.23 -19.81 -1.31
CA GLY A 159 -8.90 -20.80 -2.13
C GLY A 159 -7.92 -21.67 -2.91
N ASP A 160 -8.37 -22.17 -4.06
CA ASP A 160 -7.54 -23.08 -4.85
C ASP A 160 -7.31 -22.59 -6.28
N THR A 161 -7.45 -21.28 -6.47
CA THR A 161 -7.03 -20.61 -7.70
C THR A 161 -6.11 -19.44 -7.35
N PRO A 162 -5.20 -19.08 -8.26
CA PRO A 162 -4.41 -17.87 -7.98
C PRO A 162 -5.29 -16.63 -7.86
N THR A 163 -4.92 -15.74 -6.96
CA THR A 163 -5.62 -14.47 -6.77
C THR A 163 -4.61 -13.35 -6.79
N LEU A 164 -5.08 -12.11 -6.69
CA LEU A 164 -4.11 -11.03 -6.68
C LEU A 164 -3.16 -11.08 -5.48
N ALA A 165 -3.57 -11.73 -4.38
CA ALA A 165 -2.65 -11.87 -3.25
C ALA A 165 -1.37 -12.61 -3.67
N ASP A 166 -1.51 -13.63 -4.51
CA ASP A 166 -0.35 -14.38 -4.99
C ASP A 166 0.53 -13.51 -5.90
N CYS A 167 -0.09 -12.60 -6.63
CA CYS A 167 0.65 -11.66 -7.48
C CYS A 167 1.57 -10.79 -6.63
N TYR A 168 1.15 -10.45 -5.42
CA TYR A 168 1.98 -9.68 -4.51
C TYR A 168 2.98 -10.57 -3.77
N LEU A 169 2.55 -11.75 -3.34
CA LEU A 169 3.41 -12.60 -2.51
C LEU A 169 4.65 -13.10 -3.24
N VAL A 170 4.47 -13.60 -4.45
CA VAL A 170 5.56 -14.23 -5.17
C VAL A 170 6.78 -13.29 -5.36
N PRO A 171 6.57 -12.06 -5.86
CA PRO A 171 7.72 -11.15 -5.96
C PRO A 171 8.34 -10.83 -4.60
N GLN A 172 7.52 -10.79 -3.55
CA GLN A 172 8.04 -10.51 -2.22
C GLN A 172 8.94 -11.63 -1.70
N VAL A 173 8.60 -12.88 -2.04
CA VAL A 173 9.44 -14.01 -1.67
C VAL A 173 10.77 -13.95 -2.43
N GLU A 174 10.71 -13.53 -3.69
CA GLU A 174 11.92 -13.37 -4.49
C GLU A 174 12.84 -12.32 -3.85
N SER A 175 12.27 -11.21 -3.39
CA SER A 175 13.06 -10.18 -2.70
C SER A 175 13.65 -10.72 -1.40
N ALA A 176 12.87 -11.48 -0.65
CA ALA A 176 13.36 -12.14 0.56
C ALA A 176 14.60 -12.98 0.28
N ARG A 177 14.58 -13.73 -0.82
CA ARG A 177 15.74 -14.54 -1.19
CA ARG A 177 15.74 -14.54 -1.21
C ARG A 177 16.95 -13.65 -1.53
N ARG A 178 16.71 -12.55 -2.23
CA ARG A 178 17.75 -11.59 -2.58
CA ARG A 178 17.78 -11.61 -2.57
C ARG A 178 18.45 -11.04 -1.31
N PHE A 179 17.66 -10.75 -0.29
CA PHE A 179 18.19 -10.18 0.95
C PHE A 179 18.57 -11.21 2.00
N GLN A 180 18.62 -12.49 1.58
CA GLN A 180 19.07 -13.61 2.41
CA GLN A 180 19.10 -13.58 2.42
C GLN A 180 18.26 -13.74 3.70
N VAL A 181 16.95 -13.57 3.57
CA VAL A 181 16.04 -13.76 4.69
C VAL A 181 15.79 -15.25 4.87
N ASP A 182 15.89 -15.72 6.11
CA ASP A 182 15.56 -17.09 6.44
C ASP A 182 14.07 -17.31 6.27
N LEU A 183 13.71 -18.17 5.32
CA LEU A 183 12.30 -18.46 5.03
C LEU A 183 11.80 -19.72 5.71
N THR A 184 12.66 -20.39 6.49
CA THR A 184 12.24 -21.58 7.22
C THR A 184 10.95 -21.38 8.04
N PRO A 185 10.81 -20.23 8.75
CA PRO A 185 9.59 -20.04 9.55
C PRO A 185 8.28 -19.94 8.79
N TYR A 186 8.33 -19.91 7.46
CA TYR A 186 7.14 -19.65 6.64
C TYR A 186 6.85 -20.78 5.65
N PRO A 187 6.56 -21.99 6.16
CA PRO A 187 6.32 -23.11 5.25
C PRO A 187 5.10 -22.93 4.36
N LEU A 188 4.07 -22.24 4.85
CA LEU A 188 2.85 -22.09 4.06
C LEU A 188 3.11 -21.13 2.91
N ILE A 189 3.81 -20.03 3.20
CA ILE A 189 4.26 -19.11 2.16
C ILE A 189 5.16 -19.83 1.15
N ARG A 190 6.10 -20.64 1.64
CA ARG A 190 6.99 -21.35 0.73
C ARG A 190 6.21 -22.30 -0.18
N ALA A 191 5.19 -22.95 0.37
CA ALA A 191 4.36 -23.87 -0.43
C ALA A 191 3.53 -23.12 -1.47
N VAL A 192 2.99 -21.95 -1.10
CA VAL A 192 2.25 -21.14 -2.06
C VAL A 192 3.18 -20.68 -3.19
N ASP A 193 4.35 -20.19 -2.83
CA ASP A 193 5.34 -19.77 -3.81
C ASP A 193 5.68 -20.92 -4.77
N ALA A 194 5.90 -22.12 -4.24
CA ALA A 194 6.23 -23.27 -5.06
C ALA A 194 5.08 -23.63 -6.01
N ALA A 195 3.85 -23.60 -5.50
CA ALA A 195 2.67 -23.89 -6.33
C ALA A 195 2.52 -22.88 -7.46
N CYS A 196 2.68 -21.60 -7.16
CA CYS A 196 2.62 -20.58 -8.19
C CYS A 196 3.73 -20.77 -9.22
N GLY A 197 4.90 -21.21 -8.75
CA GLY A 197 6.06 -21.43 -9.61
C GLY A 197 5.87 -22.53 -10.64
N GLU A 198 4.83 -23.34 -10.47
CA GLU A 198 4.49 -24.40 -11.43
C GLU A 198 3.69 -23.88 -12.61
N LEU A 199 3.16 -22.65 -12.50
CA LEU A 199 2.25 -22.10 -13.48
C LEU A 199 2.95 -21.23 -14.51
N ASP A 200 2.58 -21.41 -15.77
CA ASP A 200 3.18 -20.68 -16.88
C ASP A 200 3.11 -19.16 -16.70
N ALA A 201 1.99 -18.66 -16.21
CA ALA A 201 1.81 -17.21 -16.07
C ALA A 201 2.83 -16.61 -15.11
N PHE A 202 3.12 -17.34 -14.03
CA PHE A 202 4.14 -16.92 -13.07
C PHE A 202 5.54 -17.08 -13.64
N ARG A 203 5.80 -18.22 -14.27
CA ARG A 203 7.12 -18.47 -14.84
C ARG A 203 7.50 -17.38 -15.84
N ARG A 204 6.56 -17.00 -16.70
CA ARG A 204 6.83 -16.01 -17.74
C ARG A 204 7.04 -14.61 -17.16
N ALA A 205 6.52 -14.38 -15.95
CA ALA A 205 6.60 -13.08 -15.30
C ALA A 205 7.86 -12.89 -14.46
N ALA A 206 8.57 -13.98 -14.17
CA ALA A 206 9.71 -13.94 -13.26
C ALA A 206 10.83 -13.06 -13.83
N PRO A 207 11.56 -12.36 -12.95
CA PRO A 207 12.67 -11.49 -13.38
C PRO A 207 13.63 -12.12 -14.41
N ALA A 208 14.06 -13.36 -14.16
CA ALA A 208 15.04 -14.01 -15.04
C ALA A 208 14.52 -14.29 -16.45
N ALA A 209 13.21 -14.22 -16.64
CA ALA A 209 12.59 -14.50 -17.94
C ALA A 209 12.38 -13.25 -18.81
N GLN A 210 12.75 -12.09 -18.28
CA GLN A 210 12.48 -10.82 -18.97
C GLN A 210 13.55 -10.44 -19.99
N PRO A 211 13.14 -9.68 -21.03
CA PRO A 211 14.06 -9.26 -22.09
C PRO A 211 15.30 -8.50 -21.61
N ASP A 212 15.15 -7.74 -20.52
CA ASP A 212 16.24 -6.91 -20.01
C ASP A 212 17.05 -7.58 -18.90
N SER A 213 16.78 -8.87 -18.66
CA SER A 213 17.50 -9.62 -17.63
C SER A 213 18.96 -9.87 -18.00
N ALA A 214 19.78 -10.16 -16.98
CA ALA A 214 21.19 -10.43 -17.17
C ALA A 214 21.41 -11.68 -18.00
N ALA B 1 -24.49 -7.67 18.73
CA ALA B 1 -23.11 -7.32 18.32
C ALA B 1 -23.07 -6.03 17.50
N LYS B 2 -21.97 -5.30 17.61
CA LYS B 2 -21.74 -4.05 16.87
C LYS B 2 -20.26 -3.86 16.51
N MET B 3 -19.99 -2.87 15.66
CA MET B 3 -18.63 -2.57 15.17
C MET B 3 -17.73 -2.08 16.30
N LYS B 4 -16.55 -2.68 16.41
CA LYS B 4 -15.53 -2.22 17.36
C LYS B 4 -14.27 -1.83 16.60
N LEU B 5 -13.88 -0.57 16.72
CA LEU B 5 -12.69 -0.08 16.04
C LEU B 5 -11.51 0.01 16.98
N TYR B 6 -10.53 -0.87 16.79
CA TYR B 6 -9.30 -0.86 17.57
C TYR B 6 -8.36 0.13 16.89
N ASN B 7 -8.07 1.24 17.56
CA ASN B 7 -7.32 2.31 16.92
C ASN B 7 -6.73 3.27 17.93
N PHE B 8 -6.13 4.36 17.45
CA PHE B 8 -5.40 5.30 18.30
C PHE B 8 -5.63 6.69 17.75
N TRP B 9 -5.69 7.69 18.62
CA TRP B 9 -6.01 9.04 18.15
C TRP B 9 -5.03 9.56 17.11
N ARG B 10 -3.75 9.54 17.46
CA ARG B 10 -2.69 10.11 16.67
C ARG B 10 -2.10 9.00 15.82
N SER B 11 -2.88 8.59 14.82
CA SER B 11 -2.53 7.48 13.94
C SER B 11 -3.14 7.75 12.57
N GLY B 12 -2.29 7.83 11.56
CA GLY B 12 -2.72 8.15 10.21
C GLY B 12 -3.67 7.14 9.62
N THR B 13 -3.36 5.85 9.78
CA THR B 13 -4.23 4.81 9.25
C THR B 13 -5.54 4.71 10.04
N SER B 14 -5.49 5.01 11.34
CA SER B 14 -6.70 5.05 12.15
C SER B 14 -7.60 6.19 11.68
N HIS B 15 -6.99 7.36 11.54
CA HIS B 15 -7.64 8.57 11.04
C HIS B 15 -8.30 8.33 9.67
N ARG B 16 -7.55 7.69 8.77
CA ARG B 16 -7.99 7.31 7.44
C ARG B 16 -9.29 6.50 7.51
N LEU B 17 -9.30 5.47 8.34
CA LEU B 17 -10.47 4.61 8.47
C LEU B 17 -11.63 5.32 9.19
N ARG B 18 -11.32 6.14 10.20
CA ARG B 18 -12.37 6.91 10.86
C ARG B 18 -13.11 7.81 9.89
N ILE B 19 -12.38 8.44 8.96
CA ILE B 19 -13.03 9.30 7.98
C ILE B 19 -14.02 8.49 7.14
N ALA B 20 -13.58 7.34 6.67
CA ALA B 20 -14.44 6.49 5.83
C ALA B 20 -15.68 6.02 6.58
N LEU B 21 -15.51 5.56 7.82
CA LEU B 21 -16.64 5.15 8.65
C LEU B 21 -17.62 6.30 8.85
N ASN B 22 -17.09 7.49 9.13
CA ASN B 22 -17.93 8.66 9.36
C ASN B 22 -18.69 9.09 8.12
N LEU B 23 -18.02 9.03 6.96
CA LEU B 23 -18.70 9.39 5.71
C LEU B 23 -19.85 8.43 5.44
N LYS B 24 -19.68 7.16 5.80
CA LYS B 24 -20.73 6.17 5.61
C LYS B 24 -21.81 6.24 6.68
N GLY B 25 -21.54 6.97 7.77
CA GLY B 25 -22.48 7.07 8.89
C GLY B 25 -22.62 5.76 9.65
N VAL B 26 -21.58 4.95 9.61
CA VAL B 26 -21.56 3.66 10.28
C VAL B 26 -21.16 3.84 11.75
N PRO B 27 -22.03 3.43 12.69
CA PRO B 27 -21.67 3.53 14.11
C PRO B 27 -20.60 2.52 14.50
N TYR B 28 -19.75 2.88 15.44
CA TYR B 28 -18.72 1.97 15.94
C TYR B 28 -18.32 2.36 17.34
N GLU B 29 -17.89 1.34 18.10
CA GLU B 29 -17.30 1.59 19.41
C GLU B 29 -15.81 1.85 19.22
N TYR B 30 -15.34 2.93 19.84
CA TYR B 30 -13.93 3.31 19.79
C TYR B 30 -13.17 2.56 20.89
N LEU B 31 -12.27 1.68 20.47
CA LEU B 31 -11.44 0.95 21.42
C LEU B 31 -9.99 1.38 21.24
N ALA B 32 -9.52 2.19 22.18
CA ALA B 32 -8.17 2.74 22.13
C ALA B 32 -7.13 1.66 22.37
N VAL B 33 -6.14 1.64 21.49
CA VAL B 33 -4.96 0.80 21.66
C VAL B 33 -3.82 1.81 21.74
N HIS B 34 -3.25 1.95 22.94
CA HIS B 34 -2.28 3.01 23.17
C HIS B 34 -0.90 2.67 22.62
N LEU B 35 -0.57 3.25 21.47
CA LEU B 35 0.67 2.92 20.79
C LEU B 35 1.91 3.40 21.53
N GLY B 36 1.78 4.52 22.23
CA GLY B 36 2.90 5.04 23.04
C GLY B 36 3.27 4.09 24.16
N LYS B 37 2.25 3.45 24.73
CA LYS B 37 2.42 2.42 25.76
C LYS B 37 2.73 1.06 25.15
N GLU B 38 2.81 1.02 23.82
CA GLU B 38 3.09 -0.21 23.07
C GLU B 38 2.07 -1.32 23.34
N GLU B 39 0.82 -0.91 23.54
CA GLU B 39 -0.27 -1.88 23.75
C GLU B 39 -0.51 -2.77 22.54
N HIS B 40 -0.17 -2.28 21.36
CA HIS B 40 -0.33 -3.08 20.15
C HIS B 40 0.67 -4.22 20.08
N LEU B 41 1.74 -4.12 20.87
CA LEU B 41 2.79 -5.14 20.86
C LEU B 41 2.58 -6.21 21.93
N LYS B 42 1.48 -6.12 22.66
CA LYS B 42 1.12 -7.11 23.67
C LYS B 42 0.36 -8.29 23.07
N ASP B 43 0.39 -9.43 23.76
CA ASP B 43 -0.25 -10.64 23.29
C ASP B 43 -1.76 -10.50 23.08
N ALA B 44 -2.40 -9.69 23.93
CA ALA B 44 -3.84 -9.46 23.82
C ALA B 44 -4.23 -8.86 22.47
N PHE B 45 -3.44 -7.90 21.99
CA PHE B 45 -3.72 -7.35 20.66
C PHE B 45 -3.29 -8.30 19.54
N LYS B 46 -2.22 -9.06 19.75
CA LYS B 46 -1.80 -10.07 18.75
C LYS B 46 -2.90 -11.09 18.47
N ALA B 47 -3.65 -11.46 19.51
CA ALA B 47 -4.77 -12.39 19.37
C ALA B 47 -5.87 -11.85 18.45
N LEU B 48 -6.01 -10.53 18.40
CA LEU B 48 -6.98 -9.88 17.51
C LEU B 48 -6.39 -9.69 16.12
N ASN B 49 -5.14 -9.21 16.08
CA ASN B 49 -4.46 -8.91 14.82
C ASN B 49 -3.01 -9.41 14.86
N PRO B 50 -2.70 -10.48 14.10
CA PRO B 50 -1.34 -11.05 14.15
C PRO B 50 -0.26 -10.08 13.69
N GLN B 51 -0.65 -9.08 12.91
CA GLN B 51 0.29 -8.09 12.44
C GLN B 51 0.64 -7.02 13.49
N GLN B 52 -0.20 -6.91 14.52
CA GLN B 52 0.06 -5.99 15.64
C GLN B 52 0.26 -4.55 15.20
N LEU B 53 -0.64 -4.11 14.30
CA LEU B 53 -0.73 -2.72 13.87
C LEU B 53 -2.18 -2.28 13.95
N VAL B 54 -2.40 -0.98 13.98
CA VAL B 54 -3.76 -0.44 13.97
C VAL B 54 -4.05 0.26 12.63
N PRO B 55 -5.34 0.31 12.22
CA PRO B 55 -6.53 -0.16 12.90
C PRO B 55 -6.88 -1.61 12.62
N ALA B 56 -7.74 -2.15 13.47
CA ALA B 56 -8.43 -3.41 13.21
C ALA B 56 -9.91 -3.16 13.50
N LEU B 57 -10.77 -3.77 12.70
CA LEU B 57 -12.20 -3.54 12.84
C LEU B 57 -12.90 -4.86 13.12
N ASP B 58 -13.44 -5.00 14.33
CA ASP B 58 -14.25 -6.16 14.67
C ASP B 58 -15.68 -5.85 14.24
N THR B 59 -16.17 -6.59 13.26
CA THR B 59 -17.51 -6.34 12.72
C THR B 59 -18.60 -6.94 13.60
N GLY B 60 -18.19 -7.72 14.61
CA GLY B 60 -19.13 -8.47 15.43
C GLY B 60 -19.12 -9.94 15.07
N ALA B 61 -18.63 -10.24 13.86
CA ALA B 61 -18.51 -11.61 13.37
C ALA B 61 -17.05 -12.03 13.18
N GLN B 62 -16.21 -11.07 12.77
CA GLN B 62 -14.78 -11.32 12.60
C GLN B 62 -14.00 -10.01 12.67
N VAL B 63 -12.68 -10.13 12.87
CA VAL B 63 -11.78 -8.98 12.93
C VAL B 63 -11.07 -8.75 11.59
N LEU B 64 -11.33 -7.60 11.00
CA LEU B 64 -10.73 -7.19 9.74
C LEU B 64 -9.49 -6.37 10.01
N ILE B 65 -8.48 -6.59 9.18
CA ILE B 65 -7.26 -5.79 9.23
C ILE B 65 -6.98 -5.17 7.86
N GLN B 66 -5.99 -4.28 7.83
CA GLN B 66 -5.55 -3.56 6.64
C GLN B 66 -6.53 -2.49 6.20
N SER B 67 -6.27 -1.25 6.59
CA SER B 67 -7.19 -0.17 6.27
C SER B 67 -7.56 -0.08 4.78
N PRO B 68 -6.62 -0.32 3.84
CA PRO B 68 -7.07 -0.25 2.44
C PRO B 68 -8.16 -1.26 2.11
N ALA B 69 -8.02 -2.47 2.64
CA ALA B 69 -8.99 -3.55 2.40
C ALA B 69 -10.29 -3.31 3.14
N ILE B 70 -10.18 -2.79 4.37
CA ILE B 70 -11.37 -2.47 5.16
C ILE B 70 -12.18 -1.38 4.47
N ILE B 71 -11.50 -0.35 3.97
CA ILE B 71 -12.19 0.76 3.31
C ILE B 71 -12.90 0.30 2.03
N GLU B 72 -12.24 -0.55 1.24
CA GLU B 72 -12.88 -1.13 0.06
C GLU B 72 -14.11 -1.97 0.45
N TRP B 73 -14.01 -2.69 1.56
CA TRP B 73 -15.13 -3.47 2.10
C TRP B 73 -16.28 -2.56 2.51
N LEU B 74 -15.98 -1.47 3.22
CA LEU B 74 -17.00 -0.48 3.58
C LEU B 74 -17.73 0.08 2.37
N GLU B 75 -16.98 0.37 1.31
CA GLU B 75 -17.57 0.92 0.09
C GLU B 75 -18.60 -0.03 -0.51
N GLU B 76 -18.30 -1.33 -0.49
CA GLU B 76 -19.18 -2.34 -1.05
C GLU B 76 -20.36 -2.64 -0.12
N GLN B 77 -20.10 -2.64 1.18
CA GLN B 77 -21.12 -3.03 2.17
C GLN B 77 -22.13 -1.94 2.46
N TYR B 78 -21.67 -0.69 2.40
CA TYR B 78 -22.47 0.48 2.73
C TYR B 78 -22.41 1.42 1.54
N PRO B 79 -23.30 1.23 0.56
CA PRO B 79 -23.14 1.94 -0.72
C PRO B 79 -23.15 3.49 -0.65
N THR B 80 -23.93 4.06 0.25
CA THR B 80 -24.22 5.49 0.21
C THR B 80 -23.60 6.23 1.40
N PRO B 81 -22.89 7.35 1.15
CA PRO B 81 -22.50 7.90 -0.15
C PRO B 81 -21.34 7.13 -0.75
N ALA B 82 -21.29 7.05 -2.07
CA ALA B 82 -20.21 6.35 -2.75
C ALA B 82 -18.87 7.06 -2.53
N LEU B 83 -17.87 6.28 -2.15
CA LEU B 83 -16.50 6.79 -1.99
C LEU B 83 -15.60 6.39 -3.16
N LEU B 84 -16.16 5.64 -4.10
CA LEU B 84 -15.48 5.35 -5.35
C LEU B 84 -16.41 5.69 -6.51
N PRO B 85 -15.86 6.19 -7.63
CA PRO B 85 -16.70 6.45 -8.79
C PRO B 85 -17.14 5.16 -9.47
N ALA B 86 -18.09 5.27 -10.39
CA ALA B 86 -18.68 4.10 -11.04
C ALA B 86 -17.90 3.61 -12.25
N ASP B 87 -17.12 4.49 -12.87
CA ASP B 87 -16.43 4.18 -14.12
C ASP B 87 -15.03 3.65 -13.86
N ALA B 88 -14.59 2.73 -14.71
CA ALA B 88 -13.30 2.06 -14.55
C ALA B 88 -12.12 3.02 -14.48
N ASP B 89 -12.13 4.04 -15.34
CA ASP B 89 -11.06 5.05 -15.37
C ASP B 89 -10.97 5.80 -14.04
N GLY B 90 -12.10 6.33 -13.59
CA GLY B 90 -12.17 7.05 -12.33
C GLY B 90 -11.81 6.18 -11.15
N ARG B 91 -12.30 4.95 -11.14
CA ARG B 91 -11.96 3.98 -10.09
C ARG B 91 -10.44 3.83 -9.99
N GLN B 92 -9.80 3.63 -11.14
CA GLN B 92 -8.36 3.44 -11.17
C GLN B 92 -7.62 4.68 -10.67
N ARG B 93 -8.08 5.87 -11.08
CA ARG B 93 -7.42 7.12 -10.68
C ARG B 93 -7.52 7.37 -9.19
N VAL B 94 -8.71 7.14 -8.62
CA VAL B 94 -8.92 7.33 -7.19
C VAL B 94 -8.08 6.31 -6.41
N ARG B 95 -8.08 5.06 -6.85
CA ARG B 95 -7.23 4.06 -6.21
C ARG B 95 -5.74 4.39 -6.32
N ALA B 96 -5.33 4.99 -7.43
CA ALA B 96 -3.92 5.36 -7.62
C ALA B 96 -3.52 6.48 -6.66
N LEU B 97 -4.36 7.50 -6.54
CA LEU B 97 -4.09 8.57 -5.58
C LEU B 97 -3.98 8.03 -4.17
N ALA B 98 -4.93 7.17 -3.78
CA ALA B 98 -4.88 6.57 -2.45
C ALA B 98 -3.60 5.79 -2.25
N ALA B 99 -3.19 5.02 -3.27
CA ALA B 99 -2.02 4.15 -3.13
C ALA B 99 -0.71 4.93 -3.07
N ILE B 100 -0.64 6.10 -3.69
CA ILE B 100 0.54 6.95 -3.50
C ILE B 100 0.76 7.16 -2.01
N VAL B 101 -0.31 7.53 -1.30
CA VAL B 101 -0.22 7.75 0.14
C VAL B 101 -0.06 6.44 0.89
N GLY B 102 -0.93 5.49 0.58
CA GLY B 102 -1.01 4.27 1.38
C GLY B 102 0.14 3.32 1.23
N CYS B 103 0.78 3.33 0.06
CA CYS B 103 1.96 2.51 -0.19
C CYS B 103 3.24 3.30 -0.06
N ASP B 104 3.27 4.49 -0.64
CA ASP B 104 4.55 5.14 -0.93
C ASP B 104 4.90 6.31 -0.02
N ILE B 105 4.02 6.64 0.92
CA ILE B 105 4.33 7.66 1.91
C ILE B 105 4.14 7.11 3.33
N HIS B 106 2.89 6.81 3.69
CA HIS B 106 2.59 6.47 5.07
C HIS B 106 3.51 5.38 5.67
N PRO B 107 3.68 4.24 4.98
CA PRO B 107 4.42 3.16 5.64
C PRO B 107 5.87 3.51 5.95
N ILE B 108 6.45 4.43 5.17
CA ILE B 108 7.86 4.75 5.30
C ILE B 108 8.14 5.54 6.57
N ASN B 109 7.12 6.26 7.05
CA ASN B 109 7.28 7.14 8.19
C ASN B 109 6.62 6.62 9.46
N ASN B 110 6.14 5.38 9.39
CA ASN B 110 5.43 4.75 10.50
C ASN B 110 6.33 4.59 11.72
N ARG B 111 5.73 4.57 12.90
CA ARG B 111 6.44 4.53 14.18
C ARG B 111 7.58 3.50 14.20
N ARG B 112 7.29 2.27 13.81
CA ARG B 112 8.30 1.20 13.90
C ARG B 112 9.52 1.52 13.04
N ILE B 113 9.31 2.20 11.92
CA ILE B 113 10.41 2.54 11.02
C ILE B 113 11.29 3.59 11.68
N LEU B 114 10.67 4.64 12.21
CA LEU B 114 11.41 5.71 12.87
C LEU B 114 12.15 5.17 14.08
N GLU B 115 11.54 4.24 14.81
CA GLU B 115 12.23 3.59 15.93
C GLU B 115 13.48 2.87 15.51
N TYR B 116 13.40 2.17 14.36
CA TYR B 116 14.58 1.48 13.83
C TYR B 116 15.66 2.48 13.44
N LEU B 117 15.26 3.57 12.80
CA LEU B 117 16.24 4.62 12.47
C LEU B 117 16.94 5.13 13.72
N ARG B 118 16.19 5.35 14.79
CA ARG B 118 16.76 5.85 16.04
C ARG B 118 17.70 4.83 16.67
N LYS B 119 17.24 3.60 16.79
CA LYS B 119 17.91 2.60 17.60
C LYS B 119 19.01 1.85 16.87
N THR B 120 18.89 1.74 15.55
CA THR B 120 19.91 1.06 14.75
C THR B 120 20.83 2.04 14.05
N PHE B 121 20.28 3.14 13.54
CA PHE B 121 21.10 4.09 12.79
C PHE B 121 21.44 5.37 13.56
N GLY B 122 20.97 5.45 14.80
CA GLY B 122 21.32 6.56 15.69
C GLY B 122 20.74 7.90 15.29
N ALA B 123 19.65 7.87 14.51
CA ALA B 123 19.02 9.10 14.03
C ALA B 123 18.56 9.99 15.17
N ASP B 124 18.93 11.26 15.13
CA ASP B 124 18.33 12.22 16.05
C ASP B 124 17.05 12.78 15.43
N GLU B 125 16.36 13.66 16.15
CA GLU B 125 15.04 14.07 15.68
C GLU B 125 15.08 14.92 14.42
N ALA B 126 16.14 15.70 14.23
CA ALA B 126 16.33 16.41 12.97
C ALA B 126 16.42 15.42 11.80
N ALA B 127 17.17 14.34 12.00
CA ALA B 127 17.30 13.31 10.96
C ALA B 127 15.97 12.60 10.70
N ILE B 128 15.21 12.35 11.77
CA ILE B 128 13.87 11.78 11.61
C ILE B 128 12.98 12.70 10.78
N ASN B 129 12.99 14.00 11.08
CA ASN B 129 12.16 14.93 10.34
C ASN B 129 12.59 15.03 8.87
N ALA B 130 13.90 14.96 8.63
CA ALA B 130 14.41 15.03 7.26
C ALA B 130 14.00 13.80 6.45
N TRP B 131 14.04 12.63 7.08
CA TRP B 131 13.55 11.38 6.49
C TRP B 131 12.08 11.52 6.12
N CYS B 132 11.26 11.89 7.10
CA CYS B 132 9.82 11.96 6.86
C CYS B 132 9.47 12.93 5.76
N GLY B 133 10.14 14.08 5.75
CA GLY B 133 9.91 15.10 4.72
C GLY B 133 10.31 14.65 3.33
N THR B 134 11.35 13.83 3.25
CA THR B 134 11.79 13.30 1.96
C THR B 134 10.65 12.52 1.29
N TRP B 135 10.05 11.59 2.02
CA TRP B 135 9.04 10.73 1.42
C TRP B 135 7.71 11.44 1.23
N ILE B 136 7.35 12.32 2.17
CA ILE B 136 6.14 13.11 2.02
C ILE B 136 6.25 14.05 0.83
N SER B 137 7.38 14.74 0.70
CA SER B 137 7.54 15.68 -0.42
C SER B 137 7.54 14.96 -1.76
N ALA B 138 8.20 13.81 -1.85
CA ALA B 138 8.19 13.06 -3.10
C ALA B 138 6.77 12.64 -3.48
N GLY B 139 6.03 12.13 -2.51
CA GLY B 139 4.66 11.67 -2.76
C GLY B 139 3.72 12.80 -3.08
N PHE B 140 3.85 13.90 -2.35
CA PHE B 140 3.03 15.08 -2.60
C PHE B 140 3.39 15.76 -3.93
N ASP B 141 4.64 15.69 -4.36
CA ASP B 141 5.00 16.18 -5.70
C ASP B 141 4.13 15.47 -6.74
N ALA B 142 4.05 14.15 -6.62
CA ALA B 142 3.27 13.35 -7.56
C ALA B 142 1.77 13.61 -7.44
N TYR B 143 1.28 13.63 -6.20
CA TYR B 143 -0.16 13.80 -5.94
C TYR B 143 -0.62 15.16 -6.47
N GLU B 144 0.14 16.21 -6.14
CA GLU B 144 -0.14 17.56 -6.63
C GLU B 144 -0.17 17.61 -8.16
N ALA B 145 0.80 16.98 -8.79
CA ALA B 145 0.86 16.96 -10.26
C ALA B 145 -0.35 16.26 -10.86
N LEU B 146 -0.81 15.20 -10.21
CA LEU B 146 -1.97 14.46 -10.68
C LEU B 146 -3.27 15.25 -10.51
N LEU B 147 -3.41 15.96 -9.40
CA LEU B 147 -4.56 16.83 -9.18
C LEU B 147 -4.66 17.89 -10.26
N ALA B 148 -3.51 18.41 -10.68
CA ALA B 148 -3.45 19.54 -11.60
C ALA B 148 -3.95 19.19 -12.99
N VAL B 149 -3.81 17.93 -13.40
CA VAL B 149 -4.12 17.56 -14.78
C VAL B 149 -5.52 16.97 -14.97
N ASP B 150 -6.26 16.85 -13.85
CA ASP B 150 -7.64 16.39 -13.90
C ASP B 150 -8.60 17.58 -14.04
N PRO B 151 -9.17 17.76 -15.24
CA PRO B 151 -10.02 18.94 -15.49
C PRO B 151 -11.43 18.81 -14.92
N LYS B 152 -11.82 17.60 -14.53
CA LYS B 152 -13.19 17.34 -14.03
C LYS B 152 -13.30 17.49 -12.52
N ARG B 153 -12.18 17.82 -11.88
CA ARG B 153 -12.10 17.89 -10.43
C ARG B 153 -12.83 19.10 -9.85
N GLY B 154 -13.53 18.87 -8.73
CA GLY B 154 -14.11 19.95 -7.94
C GLY B 154 -13.19 20.30 -6.78
N ARG B 155 -13.77 20.36 -5.57
CA ARG B 155 -13.02 20.77 -4.38
C ARG B 155 -12.17 19.65 -3.77
N TYR B 156 -12.42 18.41 -4.20
CA TYR B 156 -11.80 17.26 -3.55
C TYR B 156 -10.75 16.63 -4.47
N SER B 157 -10.18 15.51 -4.06
CA SER B 157 -9.12 14.88 -4.86
C SER B 157 -9.64 14.47 -6.23
N PHE B 158 -10.88 14.02 -6.28
CA PHE B 158 -11.50 13.54 -7.50
C PHE B 158 -12.96 13.93 -7.50
N GLY B 159 -13.42 14.50 -8.61
CA GLY B 159 -14.83 14.85 -8.71
C GLY B 159 -15.27 15.94 -7.74
N ASP B 160 -16.57 15.93 -7.45
CA ASP B 160 -17.23 16.98 -6.66
C ASP B 160 -17.62 16.49 -5.26
N THR B 161 -17.29 15.25 -4.95
CA THR B 161 -17.62 14.64 -3.66
C THR B 161 -16.38 14.01 -3.04
N PRO B 162 -16.34 13.88 -1.70
CA PRO B 162 -15.24 13.15 -1.09
C PRO B 162 -15.17 11.70 -1.57
N THR B 163 -13.94 11.21 -1.77
CA THR B 163 -13.73 9.82 -2.18
C THR B 163 -12.73 9.19 -1.23
N LEU B 164 -12.46 7.91 -1.40
CA LEU B 164 -11.46 7.30 -0.53
C LEU B 164 -10.08 7.96 -0.67
N ALA B 165 -9.77 8.58 -1.81
CA ALA B 165 -8.49 9.29 -1.92
C ALA B 165 -8.36 10.36 -0.85
N ASP B 166 -9.44 11.09 -0.56
CA ASP B 166 -9.40 12.12 0.47
C ASP B 166 -9.23 11.52 1.86
N CYS B 167 -9.77 10.32 2.06
CA CYS B 167 -9.59 9.62 3.33
C CYS B 167 -8.12 9.33 3.60
N TYR B 168 -7.35 9.07 2.54
CA TYR B 168 -5.92 8.86 2.68
C TYR B 168 -5.15 10.18 2.75
N LEU B 169 -5.55 11.16 1.95
CA LEU B 169 -4.78 12.41 1.86
C LEU B 169 -4.79 13.21 3.15
N VAL B 170 -5.97 13.38 3.74
CA VAL B 170 -6.12 14.25 4.90
C VAL B 170 -5.22 13.83 6.08
N PRO B 171 -5.24 12.54 6.47
CA PRO B 171 -4.30 12.13 7.52
C PRO B 171 -2.84 12.32 7.13
N GLN B 172 -2.51 12.19 5.85
CA GLN B 172 -1.14 12.35 5.40
C GLN B 172 -0.68 13.81 5.52
N VAL B 173 -1.59 14.75 5.24
CA VAL B 173 -1.30 16.17 5.42
C VAL B 173 -1.08 16.49 6.91
N GLU B 174 -1.88 15.86 7.77
CA GLU B 174 -1.70 16.03 9.21
C GLU B 174 -0.32 15.54 9.66
N SER B 175 0.11 14.40 9.14
CA SER B 175 1.44 13.87 9.45
C SER B 175 2.53 14.82 8.95
N ALA B 176 2.34 15.36 7.75
CA ALA B 176 3.26 16.37 7.21
C ALA B 176 3.44 17.53 8.18
N ARG B 177 2.33 18.02 8.74
CA ARG B 177 2.39 19.11 9.71
CA ARG B 177 2.38 19.11 9.72
C ARG B 177 3.14 18.70 10.97
N ARG B 178 2.90 17.47 11.43
CA ARG B 178 3.59 16.92 12.60
CA ARG B 178 3.60 16.94 12.61
C ARG B 178 5.11 16.92 12.41
N PHE B 179 5.55 16.56 11.20
CA PHE B 179 6.98 16.46 10.89
C PHE B 179 7.58 17.75 10.30
N GLN B 180 6.82 18.83 10.38
CA GLN B 180 7.27 20.17 9.97
C GLN B 180 7.70 20.21 8.51
N VAL B 181 6.95 19.52 7.66
CA VAL B 181 7.20 19.53 6.23
C VAL B 181 6.63 20.80 5.64
N ASP B 182 7.43 21.49 4.83
CA ASP B 182 6.97 22.65 4.08
C ASP B 182 5.89 22.25 3.08
N LEU B 183 4.68 22.78 3.29
CA LEU B 183 3.55 22.48 2.41
C LEU B 183 3.29 23.59 1.39
N THR B 184 4.14 24.61 1.41
CA THR B 184 4.02 25.71 0.45
C THR B 184 3.93 25.25 -1.01
N PRO B 185 4.76 24.25 -1.42
CA PRO B 185 4.71 23.80 -2.81
C PRO B 185 3.43 23.08 -3.27
N TYR B 186 2.48 22.86 -2.35
CA TYR B 186 1.31 22.01 -2.63
C TYR B 186 -0.03 22.73 -2.42
N PRO B 187 -0.26 23.82 -3.17
CA PRO B 187 -1.51 24.56 -2.97
C PRO B 187 -2.78 23.77 -3.31
N LEU B 188 -2.71 22.87 -4.29
CA LEU B 188 -3.90 22.07 -4.62
C LEU B 188 -4.23 21.10 -3.48
N ILE B 189 -3.20 20.43 -2.96
CA ILE B 189 -3.36 19.55 -1.82
C ILE B 189 -3.89 20.32 -0.61
N ARG B 190 -3.33 21.49 -0.33
CA ARG B 190 -3.79 22.27 0.82
C ARG B 190 -5.25 22.67 0.67
N ALA B 191 -5.67 22.98 -0.55
CA ALA B 191 -7.07 23.34 -0.80
C ALA B 191 -8.01 22.15 -0.61
N VAL B 192 -7.59 20.96 -1.03
CA VAL B 192 -8.39 19.76 -0.80
C VAL B 192 -8.53 19.50 0.70
N ASP B 193 -7.41 19.59 1.41
CA ASP B 193 -7.39 19.40 2.84
C ASP B 193 -8.34 20.39 3.54
N ALA B 194 -8.27 21.66 3.15
CA ALA B 194 -9.16 22.69 3.70
C ALA B 194 -10.63 22.39 3.43
N ALA B 195 -10.94 21.98 2.20
CA ALA B 195 -12.32 21.65 1.82
C ALA B 195 -12.85 20.47 2.64
N CYS B 196 -12.05 19.42 2.79
CA CYS B 196 -12.44 18.28 3.60
C CYS B 196 -12.64 18.69 5.06
N GLY B 197 -11.79 19.60 5.54
CA GLY B 197 -11.85 20.09 6.91
C GLY B 197 -13.12 20.84 7.27
N GLU B 198 -13.90 21.23 6.25
CA GLU B 198 -15.19 21.89 6.45
C GLU B 198 -16.31 20.90 6.76
N LEU B 199 -16.06 19.62 6.53
CA LEU B 199 -17.09 18.58 6.64
C LEU B 199 -17.08 17.90 7.99
N ASP B 200 -18.27 17.70 8.54
CA ASP B 200 -18.44 17.06 9.84
C ASP B 200 -17.75 15.70 9.94
N ALA B 201 -17.86 14.90 8.88
CA ALA B 201 -17.32 13.55 8.91
C ALA B 201 -15.80 13.57 9.10
N PHE B 202 -15.15 14.53 8.47
CA PHE B 202 -13.70 14.70 8.63
C PHE B 202 -13.37 15.30 10.00
N ARG B 203 -14.11 16.32 10.40
CA ARG B 203 -13.87 16.97 11.68
C ARG B 203 -13.94 15.95 12.83
N ARG B 204 -14.96 15.10 12.79
CA ARG B 204 -15.16 14.12 13.85
C ARG B 204 -14.08 13.04 13.88
N ALA B 205 -13.42 12.83 12.75
CA ALA B 205 -12.41 11.80 12.61
C ALA B 205 -11.00 12.26 12.99
N ALA B 206 -10.81 13.57 13.09
CA ALA B 206 -9.48 14.14 13.33
C ALA B 206 -8.92 13.68 14.68
N PRO B 207 -7.59 13.47 14.74
CA PRO B 207 -6.91 13.04 15.98
C PRO B 207 -7.35 13.78 17.25
N ALA B 208 -7.38 15.13 17.19
CA ALA B 208 -7.69 15.94 18.36
C ALA B 208 -9.13 15.77 18.88
N ALA B 209 -9.99 15.18 18.06
CA ALA B 209 -11.40 14.98 18.44
C ALA B 209 -11.69 13.61 19.08
N GLN B 210 -10.65 12.80 19.21
CA GLN B 210 -10.84 11.41 19.68
C GLN B 210 -10.82 11.27 21.21
N PRO B 211 -11.50 10.24 21.74
CA PRO B 211 -11.60 10.02 23.19
C PRO B 211 -10.25 9.91 23.91
N ASP B 212 -9.26 9.33 23.23
CA ASP B 212 -7.95 9.10 23.83
C ASP B 212 -6.93 10.21 23.55
N SER B 213 -7.39 11.31 22.94
CA SER B 213 -6.51 12.44 22.65
C SER B 213 -6.07 13.17 23.91
N ALA B 214 -5.00 13.96 23.78
CA ALA B 214 -4.45 14.72 24.89
C ALA B 214 -5.43 15.77 25.38
OC1 TGG C . 3.03 -0.45 -6.51
CO1 TGG C . 3.36 0.62 -7.05
OT1 TGG C . 3.31 0.82 -8.29
CA1 TGG C . 3.84 1.73 -6.15
NN1 TGG C . 3.09 1.73 -4.90
CB1 TGG C . 5.32 1.55 -5.82
CG1 TGG C . 6.18 1.67 -7.06
CD1 TGG C . 7.67 1.80 -6.79
OE1 TGG C . 8.07 1.52 -5.46
NN2 TGG C . 8.43 1.01 -7.73
CA2 TGG C . 9.80 0.65 -7.51
CO2 TGG C . 10.56 1.88 -7.98
OC2 TGG C . 10.49 2.12 -9.36
NN3 TGG C . 11.89 2.01 -7.43
CA3 TGG C . 12.79 3.01 -7.98
CO3 TGG C . 13.46 3.74 -6.85
OC3 TGG C . 13.17 3.43 -5.68
OT3 TGG C . 14.27 4.63 -7.17
CB2 TGG C . 9.93 -0.63 -8.32
SG2 TGG C . 11.56 -1.23 -8.56
CD2 TGG C . 12.23 -1.81 -7.04
CE2 TGG C . 11.56 -3.11 -6.65
OE2 TGG C . 12.19 -4.18 -6.73
OF2 TGG C . 10.38 -3.07 -6.25
CF2 TGG C . 13.73 -1.96 -7.31
CH2 TGG C . 14.55 -2.26 -6.09
OI2 TGG C . 14.07 -2.09 -4.97
OJ2 TGG C . 15.71 -2.70 -6.28
NA NA D . 11.66 -19.10 -7.86
C ACT E . 21.14 1.03 -5.73
O ACT E . 20.00 1.52 -5.54
OXT ACT E . 21.32 -0.13 -5.32
CH3 ACT E . 22.21 1.83 -6.42
OC1 TGG F . -3.22 0.56 6.44
CO1 TGG F . -3.00 -0.39 7.22
OT1 TGG F . -3.86 -0.81 8.04
CA1 TGG F . -1.66 -1.05 7.19
NN1 TGG F . -1.21 -1.11 5.79
CB1 TGG F . -0.64 -0.26 8.00
CG1 TGG F . -0.99 -0.26 9.48
CD1 TGG F . 0.11 0.25 10.39
OE1 TGG F . 1.18 0.88 9.74
NN2 TGG F . -0.46 1.08 11.42
CA2 TGG F . 0.32 1.98 12.22
CO2 TGG F . 0.91 1.08 13.29
OC2 TGG F . -0.04 0.59 14.22
NN3 TGG F . 2.11 1.56 13.91
CA3 TGG F . 2.62 0.96 15.12
CO3 TGG F . 4.10 0.73 14.98
OC3 TGG F . 4.68 1.12 13.94
OT3 TGG F . 4.66 0.16 15.94
CB2 TGG F . -0.68 3.04 12.64
SG2 TGG F . -0.17 4.20 13.86
CD2 TGG F . 1.09 5.24 13.23
CE2 TGG F . 0.52 6.24 12.25
OE2 TGG F . 0.41 7.44 12.56
OF2 TGG F . 0.13 5.84 11.12
CF2 TGG F . 1.68 5.91 14.47
CH2 TGG F . 2.92 6.73 14.20
OI2 TGG F . 3.54 6.58 13.13
OJ2 TGG F . 3.27 7.55 15.08
NA NA G . -6.29 20.63 10.15
C ACT H . 8.22 6.32 19.33
O ACT H . 7.91 5.43 18.50
OXT ACT H . 8.20 7.49 18.90
CH3 ACT H . 8.59 5.98 20.73
#